data_6ITQ
#
_entry.id   6ITQ
#
_cell.length_a   93.870
_cell.length_b   48.816
_cell.length_c   109.333
_cell.angle_alpha   90.000
_cell.angle_beta   110.660
_cell.angle_gamma   90.000
#
_symmetry.space_group_name_H-M   'C 1 2 1'
#
loop_
_entity.id
_entity.type
_entity.pdbx_description
1 polymer 'anti-cortisol camelid antibody'
2 non-polymer (11alpha,14beta)-11,17,21-trihydroxypregn-4-ene-3,20-dione
3 non-polymer 'SULFATE ION'
4 water water
#
_entity_poly.entity_id   1
_entity_poly.type   'polypeptide(L)'
_entity_poly.pdbx_seq_one_letter_code
;QVQLQESGGGSVQAGGSLRLSCVVSGNTGSTGYWAWFRQGPGTEREGVAATYTAGSGTSMTYYADSVKGRFTISQDNAKK
TLYLQMNSLKPEDTGMYRCASTRFAGRWYRDSEYRAWGQGTQVTVSS
;
_entity_poly.pdbx_strand_id   A,B,C,D
#
loop_
_chem_comp.id
_chem_comp.type
_chem_comp.name
_chem_comp.formula
HCY non-polymer (11alpha,14beta)-11,17,21-trihydroxypregn-4-ene-3,20-dione 'C21 H30 O5'
SO4 non-polymer 'SULFATE ION' 'O4 S -2'
#
# COMPACT_ATOMS: atom_id res chain seq x y z
N GLN A 1 3.01 -25.54 -17.30
CA GLN A 1 3.99 -25.49 -16.21
C GLN A 1 4.00 -24.12 -15.55
N VAL A 2 3.96 -23.07 -16.36
CA VAL A 2 3.95 -21.71 -15.82
C VAL A 2 2.56 -21.42 -15.29
N GLN A 3 2.50 -20.97 -14.03
CA GLN A 3 1.25 -20.68 -13.34
C GLN A 3 1.27 -19.22 -12.94
N LEU A 4 0.17 -18.52 -13.23
CA LEU A 4 0.00 -17.10 -12.91
C LEU A 4 -1.26 -16.92 -12.08
N GLN A 5 -1.17 -16.10 -11.04
CA GLN A 5 -2.30 -15.88 -10.14
C GLN A 5 -2.37 -14.42 -9.73
N GLU A 6 -3.47 -13.75 -10.11
CA GLU A 6 -3.67 -12.32 -9.91
C GLU A 6 -4.41 -12.07 -8.62
N SER A 7 -4.19 -10.86 -8.09
CA SER A 7 -4.87 -10.41 -6.88
C SER A 7 -4.96 -8.90 -6.87
N GLY A 8 -5.77 -8.40 -5.95
CA GLY A 8 -5.80 -6.99 -5.62
C GLY A 8 -6.95 -6.21 -6.22
N GLY A 9 -7.78 -6.85 -7.03
CA GLY A 9 -8.82 -6.12 -7.72
C GLY A 9 -9.99 -5.80 -6.81
N GLY A 10 -10.98 -5.17 -7.42
CA GLY A 10 -12.24 -4.94 -6.74
C GLY A 10 -12.95 -3.74 -7.33
N SER A 11 -13.81 -3.16 -6.52
CA SER A 11 -14.62 -2.03 -6.95
C SER A 11 -14.05 -0.74 -6.39
N VAL A 12 -14.03 0.29 -7.22
CA VAL A 12 -13.37 1.55 -6.89
C VAL A 12 -14.15 2.66 -7.59
N GLN A 13 -14.15 3.83 -6.99
CA GLN A 13 -14.83 4.96 -7.59
C GLN A 13 -14.02 5.56 -8.72
N ALA A 14 -14.73 6.12 -9.70
CA ALA A 14 -14.05 6.80 -10.80
C ALA A 14 -13.14 7.90 -10.26
N GLY A 15 -11.97 8.03 -10.88
CA GLY A 15 -10.92 8.89 -10.40
C GLY A 15 -9.97 8.22 -9.44
N GLY A 16 -10.29 7.01 -8.98
CA GLY A 16 -9.51 6.35 -7.96
C GLY A 16 -8.29 5.63 -8.48
N SER A 17 -7.60 5.00 -7.55
CA SER A 17 -6.37 4.26 -7.82
C SER A 17 -6.50 2.84 -7.33
N LEU A 18 -5.68 1.95 -7.89
CA LEU A 18 -5.70 0.54 -7.53
C LEU A 18 -4.36 -0.06 -7.98
N ARG A 19 -3.81 -0.99 -7.22
CA ARG A 19 -2.63 -1.71 -7.69
C ARG A 19 -2.91 -3.21 -7.70
N LEU A 20 -2.85 -3.81 -8.89
CA LEU A 20 -2.99 -5.25 -9.06
C LEU A 20 -1.63 -5.94 -8.96
N SER A 21 -1.67 -7.21 -8.55
CA SER A 21 -0.49 -8.04 -8.48
C SER A 21 -0.72 -9.36 -9.19
N CYS A 22 0.36 -9.95 -9.70
CA CYS A 22 0.31 -11.31 -10.20
C CYS A 22 1.58 -12.04 -9.83
N VAL A 23 1.43 -13.17 -9.20
CA VAL A 23 2.57 -14.00 -8.85
C VAL A 23 2.76 -15.07 -9.92
N VAL A 24 4.01 -15.44 -10.17
CA VAL A 24 4.35 -16.45 -11.17
C VAL A 24 5.14 -17.55 -10.50
N SER A 25 4.91 -18.77 -10.96
CA SER A 25 5.71 -19.92 -10.54
C SER A 25 5.92 -20.82 -11.74
N GLY A 26 6.91 -21.70 -11.63
CA GLY A 26 7.19 -22.66 -12.69
C GLY A 26 8.39 -22.27 -13.51
N ASN A 27 8.71 -23.16 -14.45
CA ASN A 27 9.88 -22.99 -15.31
C ASN A 27 9.53 -22.02 -16.43
N THR A 28 9.83 -20.75 -16.19
CA THR A 28 9.55 -19.70 -17.16
C THR A 28 10.66 -19.48 -18.17
N GLY A 29 11.89 -19.88 -17.86
CA GLY A 29 13.04 -19.35 -18.56
C GLY A 29 13.27 -17.89 -18.18
N SER A 30 14.30 -17.28 -18.78
CA SER A 30 14.79 -15.97 -18.34
C SER A 30 14.31 -14.80 -19.19
N THR A 31 13.69 -15.06 -20.34
CA THR A 31 13.38 -13.99 -21.28
C THR A 31 11.97 -14.12 -21.81
N GLY A 32 11.28 -13.00 -21.98
CA GLY A 32 9.95 -13.09 -22.54
C GLY A 32 9.09 -11.90 -22.15
N TYR A 33 7.81 -12.02 -22.51
CA TYR A 33 6.82 -11.01 -22.23
C TYR A 33 5.96 -11.37 -21.03
N TRP A 34 5.67 -10.36 -20.22
CA TRP A 34 4.79 -10.50 -19.06
C TRP A 34 3.79 -9.36 -19.16
N ALA A 35 2.50 -9.67 -19.21
CA ALA A 35 1.52 -8.70 -19.68
C ALA A 35 0.25 -8.72 -18.85
N TRP A 36 -0.45 -7.59 -18.91
CA TRP A 36 -1.79 -7.44 -18.37
C TRP A 36 -2.77 -7.27 -19.52
N PHE A 37 -3.88 -7.99 -19.45
CA PHE A 37 -4.98 -7.88 -20.40
C PHE A 37 -6.23 -7.53 -19.62
N ARG A 38 -7.19 -6.89 -20.28
CA ARG A 38 -8.48 -6.76 -19.62
C ARG A 38 -9.60 -7.30 -20.52
N GLN A 39 -10.54 -8.01 -19.91
CA GLN A 39 -11.76 -8.44 -20.58
C GLN A 39 -12.91 -7.58 -20.04
N GLY A 40 -13.34 -6.58 -20.80
CA GLY A 40 -14.41 -5.69 -20.38
C GLY A 40 -15.79 -6.24 -20.71
N PRO A 41 -16.84 -5.61 -20.19
CA PRO A 41 -18.21 -6.13 -20.40
C PRO A 41 -18.63 -6.16 -21.87
N ARG A 45 -10.91 -8.74 -25.29
CA ARG A 45 -9.74 -8.99 -24.48
C ARG A 45 -8.51 -8.20 -24.96
N GLU A 46 -8.31 -7.01 -24.41
CA GLU A 46 -7.35 -6.07 -24.96
C GLU A 46 -6.10 -6.00 -24.10
N GLY A 47 -4.97 -5.87 -24.77
CA GLY A 47 -3.70 -5.66 -24.09
C GLY A 47 -3.67 -4.30 -23.41
N VAL A 48 -3.28 -4.30 -22.14
CA VAL A 48 -3.22 -3.08 -21.34
C VAL A 48 -1.78 -2.59 -21.23
N ALA A 49 -0.88 -3.48 -20.83
CA ALA A 49 0.52 -3.12 -20.67
C ALA A 49 1.32 -4.41 -20.65
N ALA A 50 2.60 -4.29 -21.01
CA ALA A 50 3.44 -5.47 -21.00
C ALA A 50 4.89 -5.05 -20.81
N THR A 51 5.67 -5.97 -20.25
CA THR A 51 7.11 -5.77 -20.10
C THR A 51 7.83 -6.95 -20.75
N TYR A 52 8.81 -6.64 -21.58
CA TYR A 52 9.69 -7.64 -22.14
C TYR A 52 10.96 -7.64 -21.29
N THR A 53 11.33 -8.81 -20.76
CA THR A 53 12.55 -8.94 -19.99
C THR A 53 13.55 -9.71 -20.84
N ALA A 54 14.69 -9.09 -21.11
CA ALA A 54 15.67 -9.68 -22.03
C ALA A 54 16.57 -10.69 -21.33
N GLY A 55 16.76 -10.56 -20.03
CA GLY A 55 17.67 -11.45 -19.33
C GLY A 55 19.13 -11.07 -19.48
N SER A 56 19.44 -9.77 -19.42
CA SER A 56 20.80 -9.30 -19.66
C SER A 56 21.02 -7.95 -19.00
N THR A 58 18.20 -6.53 -20.49
CA THR A 58 17.47 -5.53 -19.71
C THR A 58 15.96 -5.65 -19.94
N SER A 59 15.27 -4.56 -20.27
CA SER A 59 13.82 -4.60 -20.19
C SER A 59 13.20 -3.52 -21.08
N MET A 60 12.01 -3.83 -21.62
CA MET A 60 11.23 -2.89 -22.41
C MET A 60 9.77 -2.97 -21.99
N THR A 61 9.12 -1.81 -21.86
CA THR A 61 7.73 -1.76 -21.43
C THR A 61 6.87 -1.09 -22.49
N TYR A 62 5.62 -1.55 -22.59
CA TYR A 62 4.65 -1.11 -23.58
C TYR A 62 3.31 -0.84 -22.92
N TYR A 63 2.61 0.19 -23.41
CA TYR A 63 1.28 0.53 -22.91
C TYR A 63 0.31 0.72 -24.05
N ALA A 64 -0.94 0.33 -23.81
CA ALA A 64 -2.04 0.69 -24.71
C ALA A 64 -2.27 2.19 -24.68
N ASP A 65 -2.64 2.76 -25.83
CA ASP A 65 -2.84 4.20 -25.90
C ASP A 65 -3.86 4.69 -24.89
N SER A 66 -4.90 3.88 -24.61
CA SER A 66 -5.98 4.32 -23.72
C SER A 66 -5.58 4.37 -22.26
N VAL A 67 -4.46 3.79 -21.87
CA VAL A 67 -4.01 3.81 -20.48
C VAL A 67 -2.68 4.50 -20.29
N LYS A 68 -2.01 4.91 -21.37
CA LYS A 68 -0.75 5.64 -21.28
C LYS A 68 -0.86 6.81 -20.32
N GLY A 69 0.09 6.90 -19.38
CA GLY A 69 0.10 7.98 -18.43
C GLY A 69 -0.83 7.82 -17.25
N ARG A 70 -1.72 6.84 -17.27
CA ARG A 70 -2.54 6.54 -16.11
C ARG A 70 -2.18 5.23 -15.44
N PHE A 71 -1.67 4.27 -16.17
CA PHE A 71 -1.28 2.97 -15.62
C PHE A 71 0.23 2.84 -15.69
N THR A 72 0.79 2.07 -14.75
CA THR A 72 2.21 1.72 -14.76
C THR A 72 2.36 0.23 -14.46
N ILE A 73 3.08 -0.47 -15.31
CA ILE A 73 3.41 -1.87 -15.07
C ILE A 73 4.82 -1.93 -14.50
N SER A 74 5.00 -2.77 -13.48
CA SER A 74 6.32 -2.95 -12.89
C SER A 74 6.39 -4.38 -12.37
N GLN A 75 7.58 -4.78 -11.95
CA GLN A 75 7.74 -6.13 -11.47
C GLN A 75 8.79 -6.16 -10.38
N ASP A 76 8.62 -7.05 -9.43
CA ASP A 76 9.65 -7.35 -8.45
C ASP A 76 10.18 -8.73 -8.78
N ASN A 77 11.38 -8.78 -9.37
CA ASN A 77 11.90 -10.07 -9.82
C ASN A 77 12.22 -10.98 -8.64
N ALA A 78 12.75 -10.43 -7.54
CA ALA A 78 13.03 -11.28 -6.39
C ALA A 78 11.77 -11.91 -5.82
N LYS A 79 10.62 -11.22 -5.93
CA LYS A 79 9.33 -11.70 -5.42
C LYS A 79 8.50 -12.42 -6.47
N LYS A 80 9.01 -12.55 -7.69
CA LYS A 80 8.28 -13.14 -8.81
C LYS A 80 6.86 -12.61 -8.92
N THR A 81 6.74 -11.27 -8.84
CA THR A 81 5.46 -10.60 -8.82
C THR A 81 5.45 -9.48 -9.86
N LEU A 82 4.39 -9.43 -10.67
CA LEU A 82 4.14 -8.36 -11.61
C LEU A 82 3.04 -7.46 -11.05
N TYR A 83 3.18 -6.15 -11.26
CA TYR A 83 2.20 -5.21 -10.75
C TYR A 83 1.59 -4.37 -11.86
N LEU A 84 0.35 -3.96 -11.65
CA LEU A 84 -0.30 -2.95 -12.49
C LEU A 84 -0.79 -1.86 -11.57
N GLN A 85 -0.13 -0.72 -11.58
CA GLN A 85 -0.62 0.44 -10.86
C GLN A 85 -1.59 1.21 -11.75
N MET A 86 -2.77 1.49 -11.23
CA MET A 86 -3.79 2.21 -11.98
C MET A 86 -4.13 3.49 -11.24
N ASN A 87 -4.21 4.59 -11.98
CA ASN A 87 -4.64 5.89 -11.46
C ASN A 87 -5.73 6.44 -12.36
N SER A 88 -6.45 7.45 -11.86
CA SER A 88 -7.44 8.17 -12.64
C SER A 88 -8.39 7.19 -13.34
N LEU A 89 -8.86 6.21 -12.58
CA LEU A 89 -9.67 5.15 -13.16
C LEU A 89 -10.94 5.71 -13.76
N LYS A 90 -11.31 5.17 -14.91
CA LYS A 90 -12.50 5.55 -15.65
C LYS A 90 -13.42 4.34 -15.75
N PRO A 91 -14.73 4.57 -15.92
CA PRO A 91 -15.64 3.43 -16.04
C PRO A 91 -15.26 2.44 -17.14
N GLU A 92 -14.73 2.92 -18.25
CA GLU A 92 -14.32 2.03 -19.32
C GLU A 92 -13.10 1.19 -18.95
N ASP A 93 -12.46 1.48 -17.83
CA ASP A 93 -11.43 0.56 -17.34
C ASP A 93 -12.01 -0.68 -16.67
N THR A 94 -13.33 -0.78 -16.52
CA THR A 94 -13.93 -1.95 -15.90
C THR A 94 -13.63 -3.21 -16.69
N GLY A 95 -13.30 -4.28 -15.99
CA GLY A 95 -13.12 -5.55 -16.67
C GLY A 95 -12.41 -6.56 -15.80
N MET A 96 -12.28 -7.76 -16.34
CA MET A 96 -11.51 -8.82 -15.68
C MET A 96 -10.08 -8.66 -16.14
N TYR A 97 -9.19 -8.31 -15.21
CA TYR A 97 -7.78 -8.10 -15.52
C TYR A 97 -7.03 -9.42 -15.34
N ARG A 98 -6.44 -9.90 -16.43
CA ARG A 98 -5.76 -11.17 -16.47
C ARG A 98 -4.30 -10.94 -16.83
N CYS A 99 -3.43 -11.65 -16.16
CA CYS A 99 -2.02 -11.60 -16.47
C CYS A 99 -1.67 -12.75 -17.40
N ALA A 100 -0.76 -12.49 -18.32
CA ALA A 100 -0.33 -13.52 -19.27
C ALA A 100 1.18 -13.45 -19.45
N SER A 101 1.78 -14.57 -19.84
CA SER A 101 3.20 -14.54 -20.11
C SER A 101 3.50 -15.45 -21.29
N THR A 102 4.64 -15.17 -21.93
CA THR A 102 5.05 -15.96 -23.08
C THR A 102 6.53 -15.70 -23.38
N ARG A 103 7.17 -16.70 -23.96
CA ARG A 103 8.57 -16.56 -24.33
C ARG A 103 8.72 -15.68 -25.57
N PHE A 104 7.78 -15.77 -26.52
CA PHE A 104 7.88 -15.10 -27.80
C PHE A 104 6.54 -14.48 -28.16
N ALA A 105 6.59 -13.24 -28.67
CA ALA A 105 5.39 -12.58 -29.15
C ALA A 105 5.78 -11.60 -30.23
N GLY A 106 4.95 -11.51 -31.27
CA GLY A 106 5.10 -10.44 -32.24
C GLY A 106 4.51 -9.15 -31.71
N ARG A 107 3.18 -9.14 -31.57
CA ARG A 107 2.46 -8.03 -30.94
C ARG A 107 2.32 -8.32 -29.45
N TRP A 108 2.85 -7.41 -28.62
CA TRP A 108 2.74 -7.63 -27.18
C TRP A 108 1.29 -7.64 -26.74
N TYR A 109 0.40 -7.00 -27.49
CA TYR A 109 -0.98 -6.78 -27.07
C TYR A 109 -1.96 -7.79 -27.66
N ARG A 110 -1.46 -8.79 -28.39
CA ARG A 110 -2.30 -9.80 -29.01
C ARG A 110 -2.41 -11.00 -28.07
N ASP A 111 -3.60 -11.22 -27.52
CA ASP A 111 -3.79 -12.27 -26.53
C ASP A 111 -3.40 -13.66 -27.04
N SER A 112 -3.63 -13.93 -28.33
CA SER A 112 -3.36 -15.27 -28.85
C SER A 112 -1.89 -15.61 -28.94
N GLU A 113 -0.99 -14.63 -28.77
CA GLU A 113 0.44 -14.94 -28.72
C GLU A 113 0.89 -15.46 -27.37
N TYR A 114 0.03 -15.43 -26.35
CA TYR A 114 0.42 -15.76 -24.99
C TYR A 114 0.01 -17.17 -24.63
N ARG A 115 0.94 -17.91 -24.03
CA ARG A 115 0.70 -19.32 -23.74
C ARG A 115 0.34 -19.61 -22.29
N ALA A 116 0.56 -18.68 -21.37
CA ALA A 116 0.24 -18.88 -19.97
C ALA A 116 -0.65 -17.76 -19.49
N TRP A 117 -1.73 -18.10 -18.81
CA TRP A 117 -2.74 -17.14 -18.38
C TRP A 117 -3.11 -17.36 -16.92
N GLY A 118 -3.40 -16.26 -16.22
CA GLY A 118 -4.09 -16.38 -14.95
C GLY A 118 -5.59 -16.27 -15.14
N GLN A 119 -6.32 -16.58 -14.07
CA GLN A 119 -7.78 -16.54 -14.13
C GLN A 119 -8.32 -15.12 -14.05
N GLY A 120 -7.61 -14.22 -13.38
CA GLY A 120 -7.94 -12.81 -13.44
C GLY A 120 -8.44 -12.27 -12.11
N THR A 121 -8.43 -10.95 -12.00
CA THR A 121 -9.00 -10.24 -10.86
C THR A 121 -9.89 -9.14 -11.42
N GLN A 122 -11.14 -9.08 -10.93
CA GLN A 122 -12.13 -8.16 -11.46
C GLN A 122 -11.89 -6.75 -10.94
N VAL A 123 -12.01 -5.79 -11.84
CA VAL A 123 -11.93 -4.37 -11.50
C VAL A 123 -13.21 -3.72 -12.01
N THR A 124 -13.97 -3.12 -11.10
CA THR A 124 -15.22 -2.46 -11.46
C THR A 124 -15.14 -1.01 -11.05
N VAL A 125 -15.21 -0.11 -12.02
CA VAL A 125 -15.08 1.32 -11.77
C VAL A 125 -16.46 1.94 -11.82
N SER A 126 -16.91 2.48 -10.68
CA SER A 126 -18.19 3.16 -10.56
C SER A 126 -18.26 4.37 -11.49
N GLN B 1 -3.65 -2.21 2.55
CA GLN B 1 -4.08 -3.26 1.63
C GLN B 1 -5.50 -2.98 1.12
N VAL B 2 -6.44 -2.87 2.04
CA VAL B 2 -7.86 -2.82 1.71
C VAL B 2 -8.29 -1.37 1.56
N GLN B 3 -9.01 -1.07 0.48
CA GLN B 3 -9.48 0.27 0.17
C GLN B 3 -10.99 0.27 0.20
N LEU B 4 -11.58 1.11 1.05
CA LEU B 4 -13.04 1.24 1.18
C LEU B 4 -13.43 2.65 0.77
N GLN B 5 -14.48 2.77 -0.04
CA GLN B 5 -14.94 4.07 -0.52
C GLN B 5 -16.46 4.14 -0.46
N GLU B 6 -16.99 5.05 0.38
CA GLU B 6 -18.42 5.19 0.59
C GLU B 6 -19.02 6.24 -0.33
N SER B 7 -20.31 6.07 -0.63
CA SER B 7 -21.05 7.08 -1.40
C SER B 7 -22.52 7.00 -1.05
N GLY B 8 -23.27 7.98 -1.54
CA GLY B 8 -24.71 7.97 -1.46
C GLY B 8 -25.30 8.89 -0.42
N GLY B 9 -24.47 9.58 0.35
CA GLY B 9 -24.98 10.40 1.43
C GLY B 9 -25.49 11.74 0.94
N GLY B 10 -25.95 12.51 1.91
CA GLY B 10 -26.30 13.90 1.67
C GLY B 10 -27.35 14.34 2.66
N SER B 11 -28.11 15.35 2.24
CA SER B 11 -29.07 15.99 3.11
C SER B 11 -30.47 15.53 2.73
N VAL B 12 -31.23 15.14 3.75
CA VAL B 12 -32.52 14.52 3.57
C VAL B 12 -33.43 14.96 4.71
N GLN B 13 -34.73 14.97 4.45
CA GLN B 13 -35.70 15.33 5.47
C GLN B 13 -36.03 14.12 6.35
N ALA B 14 -36.40 14.40 7.60
CA ALA B 14 -36.86 13.34 8.50
C ALA B 14 -38.01 12.56 7.88
N GLY B 15 -38.03 11.26 8.12
CA GLY B 15 -38.97 10.38 7.46
C GLY B 15 -38.52 9.88 6.12
N GLY B 16 -37.44 10.43 5.58
CA GLY B 16 -36.95 10.06 4.27
C GLY B 16 -36.13 8.78 4.28
N SER B 17 -35.66 8.43 3.08
CA SER B 17 -34.87 7.24 2.83
C SER B 17 -33.56 7.63 2.14
N LEU B 18 -32.56 6.76 2.30
CA LEU B 18 -31.26 6.93 1.66
C LEU B 18 -30.63 5.55 1.55
N ARG B 19 -29.87 5.32 0.48
CA ARG B 19 -29.08 4.10 0.39
C ARG B 19 -27.62 4.46 0.24
N LEU B 20 -26.81 4.09 1.22
CA LEU B 20 -25.37 4.29 1.15
C LEU B 20 -24.73 3.07 0.52
N SER B 21 -23.62 3.31 -0.19
CA SER B 21 -22.85 2.23 -0.79
C SER B 21 -21.40 2.33 -0.33
N CYS B 22 -20.74 1.19 -0.22
CA CYS B 22 -19.30 1.19 -0.01
C CYS B 22 -18.69 0.15 -0.91
N VAL B 23 -17.73 0.55 -1.71
CA VAL B 23 -17.02 -0.38 -2.59
C VAL B 23 -15.71 -0.76 -1.93
N VAL B 24 -15.29 -2.02 -2.10
CA VAL B 24 -14.04 -2.51 -1.55
C VAL B 24 -13.16 -3.04 -2.66
N SER B 25 -11.85 -2.90 -2.46
CA SER B 25 -10.87 -3.45 -3.38
C SER B 25 -9.64 -3.82 -2.56
N GLY B 26 -8.85 -4.71 -3.11
CA GLY B 26 -7.63 -5.14 -2.47
C GLY B 26 -7.77 -6.52 -1.89
N ASN B 27 -6.66 -6.98 -1.31
CA ASN B 27 -6.57 -8.32 -0.73
C ASN B 27 -7.24 -8.31 0.64
N THR B 28 -8.49 -8.76 0.69
CA THR B 28 -9.25 -8.75 1.94
C THR B 28 -9.22 -10.08 2.68
N GLY B 29 -8.93 -11.18 1.99
CA GLY B 29 -9.22 -12.49 2.53
C GLY B 29 -10.70 -12.80 2.37
N SER B 30 -11.09 -14.01 2.78
CA SER B 30 -12.43 -14.48 2.51
C SER B 30 -13.39 -14.36 3.68
N THR B 31 -12.92 -13.97 4.87
CA THR B 31 -13.78 -13.99 6.05
C THR B 31 -13.53 -12.77 6.92
N GLY B 32 -14.59 -12.29 7.57
CA GLY B 32 -14.42 -11.18 8.48
C GLY B 32 -15.68 -10.34 8.56
N TYR B 33 -15.52 -9.17 9.15
CA TYR B 33 -16.62 -8.25 9.39
C TYR B 33 -16.56 -7.08 8.42
N TRP B 34 -17.73 -6.67 7.97
CA TRP B 34 -17.88 -5.50 7.11
C TRP B 34 -19.00 -4.69 7.74
N ALA B 35 -18.70 -3.47 8.16
CA ALA B 35 -19.59 -2.75 9.06
C ALA B 35 -19.78 -1.30 8.65
N TRP B 36 -20.89 -0.73 9.13
CA TRP B 36 -21.16 0.69 9.03
C TRP B 36 -21.11 1.30 10.42
N PHE B 37 -20.44 2.44 10.50
CA PHE B 37 -20.29 3.21 11.72
C PHE B 37 -20.77 4.62 11.43
N ARG B 38 -21.25 5.31 12.44
CA ARG B 38 -21.55 6.71 12.25
C ARG B 38 -20.83 7.50 13.33
N GLN B 39 -20.26 8.63 12.94
CA GLN B 39 -19.56 9.48 13.90
C GLN B 39 -20.08 10.92 13.85
N ARG B 45 -18.12 7.33 17.83
CA ARG B 45 -18.19 6.45 16.67
C ARG B 45 -19.00 5.19 16.97
N GLU B 46 -20.26 5.18 16.53
CA GLU B 46 -21.24 4.19 16.96
C GLU B 46 -21.43 3.13 15.88
N GLY B 47 -21.33 1.87 16.28
CA GLY B 47 -21.68 0.78 15.37
C GLY B 47 -23.14 0.85 14.97
N VAL B 48 -23.41 0.84 13.67
CA VAL B 48 -24.76 0.91 13.12
C VAL B 48 -25.25 -0.47 12.70
N ALA B 49 -24.47 -1.17 11.89
CA ALA B 49 -24.85 -2.49 11.40
C ALA B 49 -23.57 -3.15 10.89
N ALA B 50 -23.53 -4.48 10.96
CA ALA B 50 -22.37 -5.20 10.45
C ALA B 50 -22.77 -6.57 9.92
N THR B 51 -21.97 -7.09 9.00
CA THR B 51 -22.16 -8.45 8.53
C THR B 51 -20.85 -9.21 8.66
N TYR B 52 -20.93 -10.38 9.31
CA TYR B 52 -19.80 -11.30 9.33
C TYR B 52 -19.97 -12.33 8.22
N THR B 53 -18.94 -12.51 7.41
CA THR B 53 -18.95 -13.52 6.36
C THR B 53 -18.00 -14.63 6.78
N ALA B 54 -18.54 -15.85 6.89
CA ALA B 54 -17.76 -17.01 7.29
C ALA B 54 -17.16 -17.72 6.07
N GLY B 55 -16.26 -18.68 6.35
CA GLY B 55 -15.58 -19.38 5.28
C GLY B 55 -16.53 -20.18 4.40
N SER B 56 -17.59 -20.74 4.98
CA SER B 56 -18.57 -21.50 4.20
C SER B 56 -19.17 -20.62 3.10
N THR B 58 -24.21 -18.22 4.99
CA THR B 58 -22.77 -18.08 5.11
C THR B 58 -22.41 -16.80 5.86
N SER B 59 -23.42 -16.01 6.24
CA SER B 59 -23.17 -14.74 6.91
C SER B 59 -24.09 -14.58 8.10
N MET B 60 -23.69 -13.65 8.97
CA MET B 60 -24.49 -13.24 10.12
C MET B 60 -24.53 -11.72 10.15
N THR B 61 -25.69 -11.16 10.44
CA THR B 61 -25.87 -9.72 10.42
C THR B 61 -26.30 -9.20 11.78
N TYR B 62 -25.82 -8.01 12.13
CA TYR B 62 -26.12 -7.38 13.40
C TYR B 62 -26.54 -5.94 13.19
N TYR B 63 -27.45 -5.47 14.06
CA TYR B 63 -27.93 -4.09 14.04
C TYR B 63 -27.87 -3.49 15.44
N ALA B 64 -27.53 -2.21 15.51
CA ALA B 64 -27.74 -1.43 16.72
C ALA B 64 -29.24 -1.34 17.01
N ASP B 65 -29.59 -1.33 18.30
CA ASP B 65 -31.01 -1.30 18.66
C ASP B 65 -31.72 -0.08 18.08
N SER B 66 -31.02 1.05 17.97
CA SER B 66 -31.65 2.29 17.55
C SER B 66 -32.02 2.31 16.07
N VAL B 67 -31.47 1.39 15.27
CA VAL B 67 -31.77 1.35 13.84
C VAL B 67 -32.52 0.10 13.42
N LYS B 68 -32.74 -0.86 14.32
CA LYS B 68 -33.43 -2.09 13.92
C LYS B 68 -34.81 -1.76 13.37
N GLY B 69 -35.14 -2.40 12.24
CA GLY B 69 -36.42 -2.17 11.61
C GLY B 69 -36.45 -0.97 10.70
N ARG B 70 -35.43 -0.13 10.74
CA ARG B 70 -35.31 1.04 9.88
C ARG B 70 -34.17 0.93 8.89
N PHE B 71 -33.04 0.35 9.30
CA PHE B 71 -31.90 0.18 8.40
C PHE B 71 -31.74 -1.29 8.04
N THR B 72 -31.21 -1.54 6.84
CA THR B 72 -30.87 -2.88 6.39
C THR B 72 -29.50 -2.84 5.76
N ILE B 73 -28.63 -3.72 6.20
CA ILE B 73 -27.30 -3.87 5.62
C ILE B 73 -27.32 -5.06 4.69
N SER B 74 -26.70 -4.91 3.52
CA SER B 74 -26.62 -6.04 2.60
C SER B 74 -25.36 -5.88 1.76
N GLN B 75 -24.94 -6.97 1.12
CA GLN B 75 -23.72 -6.88 0.35
C GLN B 75 -23.87 -7.66 -0.94
N ASP B 76 -23.43 -7.05 -2.03
CA ASP B 76 -23.37 -7.70 -3.34
C ASP B 76 -21.95 -8.22 -3.48
N ASN B 77 -21.76 -9.53 -3.25
CA ASN B 77 -20.40 -10.06 -3.26
C ASN B 77 -19.79 -10.02 -4.65
N ALA B 78 -20.61 -10.10 -5.70
CA ALA B 78 -20.07 -10.06 -7.06
C ALA B 78 -19.57 -8.65 -7.40
N LYS B 79 -20.25 -7.62 -6.91
CA LYS B 79 -19.88 -6.23 -7.15
C LYS B 79 -19.01 -5.64 -6.05
N LYS B 80 -18.64 -6.45 -5.05
CA LYS B 80 -17.80 -6.01 -3.93
C LYS B 80 -18.31 -4.70 -3.33
N THR B 81 -19.61 -4.69 -3.06
CA THR B 81 -20.30 -3.50 -2.59
C THR B 81 -21.14 -3.83 -1.36
N LEU B 82 -20.98 -3.02 -0.32
CA LEU B 82 -21.79 -3.08 0.89
C LEU B 82 -22.82 -1.96 0.83
N TYR B 83 -24.06 -2.27 1.19
CA TYR B 83 -25.12 -1.28 1.17
C TYR B 83 -25.65 -1.04 2.58
N LEU B 84 -26.04 0.20 2.83
CA LEU B 84 -26.82 0.52 4.01
C LEU B 84 -28.08 1.21 3.52
N GLN B 85 -29.20 0.49 3.60
CA GLN B 85 -30.50 1.03 3.24
C GLN B 85 -31.10 1.67 4.47
N MET B 86 -31.35 2.96 4.41
CA MET B 86 -31.87 3.72 5.54
C MET B 86 -33.28 4.15 5.19
N ASN B 87 -34.25 3.70 5.98
CA ASN B 87 -35.62 4.18 5.85
C ASN B 87 -36.02 4.88 7.14
N SER B 88 -37.08 5.69 7.05
CA SER B 88 -37.65 6.36 8.22
C SER B 88 -36.58 7.10 9.00
N LEU B 89 -35.80 7.92 8.29
CA LEU B 89 -34.67 8.60 8.89
C LEU B 89 -35.14 9.59 9.96
N LYS B 90 -34.35 9.72 11.00
CA LYS B 90 -34.60 10.62 12.12
C LYS B 90 -33.42 11.56 12.26
N PRO B 91 -33.61 12.73 12.86
CA PRO B 91 -32.48 13.67 12.98
C PRO B 91 -31.29 13.10 13.71
N GLU B 92 -31.49 12.24 14.71
CA GLU B 92 -30.35 11.70 15.42
C GLU B 92 -29.56 10.70 14.58
N ASP B 93 -30.06 10.34 13.41
CA ASP B 93 -29.26 9.55 12.47
C ASP B 93 -28.21 10.38 11.76
N THR B 94 -28.22 11.69 11.92
CA THR B 94 -27.22 12.55 11.28
C THR B 94 -25.83 12.15 11.73
N GLY B 95 -24.89 12.10 10.79
CA GLY B 95 -23.51 11.80 11.13
C GLY B 95 -22.70 11.52 9.88
N MET B 96 -21.40 11.30 10.10
CA MET B 96 -20.52 10.85 9.03
C MET B 96 -20.52 9.32 9.05
N TYR B 97 -21.06 8.72 7.99
CA TYR B 97 -21.19 7.28 7.95
C TYR B 97 -19.95 6.68 7.28
N ARG B 98 -19.25 5.84 8.01
CA ARG B 98 -17.99 5.29 7.54
C ARG B 98 -18.12 3.79 7.53
N CYS B 99 -17.60 3.19 6.50
CA CYS B 99 -17.57 1.75 6.46
C CYS B 99 -16.20 1.27 6.93
N ALA B 100 -16.20 0.11 7.59
CA ALA B 100 -14.97 -0.45 8.13
C ALA B 100 -14.99 -1.95 7.91
N SER B 101 -13.80 -2.54 7.87
CA SER B 101 -13.72 -3.99 7.70
C SER B 101 -12.54 -4.52 8.50
N THR B 102 -12.64 -5.80 8.83
CA THR B 102 -11.57 -6.46 9.57
C THR B 102 -11.73 -7.96 9.43
N ARG B 103 -10.59 -8.65 9.47
CA ARG B 103 -10.61 -10.11 9.44
C ARG B 103 -11.17 -10.70 10.72
N PHE B 104 -11.01 -10.03 11.86
CA PHE B 104 -11.45 -10.59 13.13
C PHE B 104 -11.84 -9.47 14.08
N ALA B 105 -12.87 -9.75 14.88
CA ALA B 105 -13.26 -8.82 15.92
C ALA B 105 -14.05 -9.60 16.96
N GLY B 106 -13.98 -9.13 18.20
CA GLY B 106 -14.79 -9.72 19.24
C GLY B 106 -16.19 -9.17 19.19
N ARG B 107 -16.30 -7.85 19.30
CA ARG B 107 -17.58 -7.15 19.27
C ARG B 107 -17.67 -6.42 17.94
N TRP B 108 -18.71 -6.70 17.17
CA TRP B 108 -18.85 -6.09 15.85
C TRP B 108 -18.97 -4.59 15.94
N TYR B 109 -19.46 -4.07 17.06
CA TYR B 109 -19.75 -2.64 17.18
C TYR B 109 -18.60 -1.84 17.76
N ARG B 110 -17.46 -2.46 18.06
CA ARG B 110 -16.35 -1.75 18.67
C ARG B 110 -15.44 -1.26 17.55
N ASP B 111 -15.41 0.07 17.36
CA ASP B 111 -14.64 0.62 16.25
C ASP B 111 -13.15 0.33 16.36
N SER B 112 -12.63 0.22 17.58
CA SER B 112 -11.20 0.00 17.76
C SER B 112 -10.74 -1.35 17.24
N GLU B 113 -11.64 -2.28 16.94
CA GLU B 113 -11.25 -3.59 16.45
C GLU B 113 -11.12 -3.65 14.94
N TYR B 114 -11.42 -2.56 14.24
CA TYR B 114 -11.43 -2.57 12.80
C TYR B 114 -10.13 -2.06 12.22
N ARG B 115 -9.62 -2.76 11.22
CA ARG B 115 -8.31 -2.49 10.64
C ARG B 115 -8.36 -1.60 9.42
N ALA B 116 -9.48 -1.56 8.70
CA ALA B 116 -9.57 -0.79 7.48
C ALA B 116 -10.80 0.12 7.55
N TRP B 117 -10.62 1.40 7.15
CA TRP B 117 -11.66 2.41 7.21
C TRP B 117 -11.77 3.19 5.91
N GLY B 118 -13.01 3.51 5.52
CA GLY B 118 -13.23 4.51 4.51
C GLY B 118 -13.25 5.91 5.09
N GLN B 119 -13.26 6.92 4.20
CA GLN B 119 -13.31 8.31 4.65
C GLN B 119 -14.70 8.73 5.08
N GLY B 120 -15.72 8.09 4.53
CA GLY B 120 -17.08 8.28 4.96
C GLY B 120 -17.91 9.11 3.98
N THR B 121 -19.22 9.06 4.18
CA THR B 121 -20.19 9.87 3.46
C THR B 121 -21.13 10.51 4.48
N GLN B 122 -21.30 11.84 4.38
CA GLN B 122 -22.08 12.57 5.37
C GLN B 122 -23.57 12.41 5.15
N VAL B 123 -24.32 12.24 6.24
CA VAL B 123 -25.78 12.14 6.19
C VAL B 123 -26.31 13.20 7.16
N THR B 124 -27.09 14.14 6.65
CA THR B 124 -27.69 15.16 7.50
C THR B 124 -29.20 15.09 7.35
N VAL B 125 -29.89 14.79 8.45
CA VAL B 125 -31.34 14.60 8.47
C VAL B 125 -31.96 15.82 9.13
N SER B 126 -32.74 16.58 8.36
CA SER B 126 -33.41 17.78 8.85
C SER B 126 -34.84 17.49 9.28
N GLN C 1 5.20 23.78 3.64
CA GLN C 1 3.86 23.19 3.52
C GLN C 1 3.89 21.78 2.91
N VAL C 2 4.47 21.62 1.72
CA VAL C 2 4.66 20.29 1.15
C VAL C 2 5.66 19.52 1.99
N GLN C 3 5.30 18.32 2.41
CA GLN C 3 6.19 17.46 3.18
C GLN C 3 6.31 16.11 2.50
N LEU C 4 7.54 15.59 2.47
CA LEU C 4 7.87 14.34 1.82
C LEU C 4 8.59 13.42 2.79
N GLN C 5 8.20 12.15 2.83
CA GLN C 5 8.84 11.18 3.72
C GLN C 5 9.06 9.86 2.99
N GLU C 6 10.31 9.49 2.83
CA GLU C 6 10.71 8.27 2.16
C GLU C 6 10.80 7.09 3.12
N SER C 7 10.59 5.91 2.57
CA SER C 7 10.78 4.69 3.33
C SER C 7 11.11 3.56 2.37
N GLY C 8 11.45 2.41 2.92
CA GLY C 8 11.70 1.23 2.16
C GLY C 8 13.15 0.95 1.88
N GLY C 9 14.05 1.86 2.27
CA GLY C 9 15.46 1.61 2.04
C GLY C 9 15.94 0.40 2.81
N GLY C 10 17.11 -0.09 2.42
CA GLY C 10 17.70 -1.20 3.14
C GLY C 10 18.97 -1.67 2.47
N SER C 11 19.46 -2.81 2.94
CA SER C 11 20.63 -3.47 2.39
C SER C 11 20.20 -4.63 1.51
N VAL C 12 20.90 -4.82 0.40
CA VAL C 12 20.53 -5.85 -0.57
C VAL C 12 21.78 -6.38 -1.24
N GLN C 13 21.73 -7.65 -1.62
CA GLN C 13 22.80 -8.25 -2.42
C GLN C 13 22.69 -7.80 -3.86
N ALA C 14 23.84 -7.61 -4.51
CA ALA C 14 23.85 -7.35 -5.94
C ALA C 14 22.97 -8.33 -6.69
N GLY C 15 22.20 -7.79 -7.64
CA GLY C 15 21.23 -8.56 -8.38
C GLY C 15 19.85 -8.56 -7.78
N GLY C 16 19.69 -8.02 -6.56
CA GLY C 16 18.44 -8.08 -5.86
C GLY C 16 17.49 -6.96 -6.23
N SER C 17 16.36 -6.96 -5.52
CA SER C 17 15.23 -6.07 -5.77
C SER C 17 14.89 -5.31 -4.50
N LEU C 18 14.29 -4.13 -4.68
CA LEU C 18 13.89 -3.29 -3.55
C LEU C 18 12.90 -2.26 -4.07
N ARG C 19 11.89 -1.92 -3.26
CA ARG C 19 10.91 -0.90 -3.62
C ARG C 19 10.93 0.21 -2.57
N LEU C 20 11.22 1.42 -3.02
CA LEU C 20 11.17 2.61 -2.17
C LEU C 20 9.81 3.27 -2.31
N SER C 21 9.40 3.98 -1.25
CA SER C 21 8.15 4.71 -1.24
C SER C 21 8.40 6.11 -0.72
N CYS C 22 7.59 7.05 -1.18
CA CYS C 22 7.60 8.37 -0.57
C CYS C 22 6.17 8.89 -0.50
N VAL C 23 5.73 9.25 0.70
CA VAL C 23 4.41 9.85 0.90
C VAL C 23 4.53 11.37 0.95
N VAL C 24 3.59 12.06 0.30
CA VAL C 24 3.52 13.51 0.31
C VAL C 24 2.28 13.95 1.09
N SER C 25 2.40 15.11 1.72
CA SER C 25 1.26 15.83 2.26
C SER C 25 1.51 17.32 2.07
N GLY C 26 0.46 18.10 2.25
CA GLY C 26 0.56 19.54 2.13
C GLY C 26 -0.03 20.06 0.84
N ASN C 27 0.08 21.37 0.65
CA ASN C 27 -0.51 22.04 -0.50
C ASN C 27 0.44 21.91 -1.69
N THR C 28 0.28 20.80 -2.41
CA THR C 28 1.12 20.52 -3.57
C THR C 28 0.66 21.24 -4.83
N GLY C 29 -0.63 21.52 -4.95
CA GLY C 29 -1.19 21.86 -6.23
C GLY C 29 -1.34 20.59 -7.06
N SER C 30 -1.85 20.76 -8.28
CA SER C 30 -2.25 19.61 -9.08
C SER C 30 -1.21 19.15 -10.10
N THR C 31 -0.17 19.94 -10.36
CA THR C 31 0.70 19.70 -11.50
C THR C 31 2.16 19.89 -11.11
N GLY C 32 3.04 19.07 -11.66
CA GLY C 32 4.47 19.27 -11.46
C GLY C 32 5.24 17.97 -11.45
N TYR C 33 6.49 18.08 -10.98
CA TYR C 33 7.47 17.00 -11.00
C TYR C 33 7.60 16.37 -9.63
N TRP C 34 7.75 15.04 -9.64
CA TRP C 34 7.94 14.24 -8.44
C TRP C 34 9.06 13.28 -8.78
N ALA C 35 10.19 13.37 -8.08
CA ALA C 35 11.42 12.75 -8.55
C ALA C 35 12.13 12.00 -7.43
N TRP C 36 12.98 11.07 -7.85
CA TRP C 36 13.93 10.39 -6.99
C TRP C 36 15.34 10.83 -7.37
N PHE C 37 16.09 11.25 -6.37
CA PHE C 37 17.49 11.62 -6.51
C PHE C 37 18.32 10.70 -5.64
N ARG C 38 19.56 10.49 -6.01
CA ARG C 38 20.43 9.71 -5.14
C ARG C 38 21.75 10.44 -4.98
N GLN C 39 22.33 10.29 -3.79
CA GLN C 39 23.58 10.95 -3.45
C GLN C 39 24.40 10.03 -2.57
N GLY C 40 25.68 9.87 -2.91
CA GLY C 40 26.62 9.17 -2.07
C GLY C 40 27.43 10.18 -1.28
N PRO C 41 28.19 9.71 -0.29
CA PRO C 41 28.93 10.66 0.55
C PRO C 41 29.94 11.45 -0.27
N GLY C 42 29.84 12.78 -0.19
CA GLY C 42 30.74 13.66 -0.90
C GLY C 42 30.42 13.88 -2.37
N THR C 43 29.39 13.23 -2.90
CA THR C 43 29.04 13.32 -4.31
C THR C 43 27.88 14.27 -4.53
N GLU C 44 27.69 14.66 -5.79
CA GLU C 44 26.53 15.47 -6.13
C GLU C 44 25.29 14.59 -6.23
N ARG C 45 24.13 15.22 -6.05
CA ARG C 45 22.87 14.52 -6.29
C ARG C 45 22.70 14.21 -7.76
N GLU C 46 22.22 13.00 -8.04
CA GLU C 46 22.02 12.55 -9.40
C GLU C 46 20.57 12.14 -9.56
N GLY C 47 19.89 12.72 -10.55
CA GLY C 47 18.52 12.33 -10.86
C GLY C 47 18.43 10.88 -11.29
N VAL C 48 17.50 10.15 -10.69
CA VAL C 48 17.30 8.74 -10.97
C VAL C 48 16.11 8.60 -11.91
N ALA C 49 14.96 9.11 -11.48
CA ALA C 49 13.73 8.98 -12.24
C ALA C 49 12.77 10.04 -11.74
N ALA C 50 11.81 10.39 -12.57
CA ALA C 50 10.85 11.41 -12.20
C ALA C 50 9.57 11.20 -12.97
N THR C 51 8.49 11.74 -12.42
CA THR C 51 7.25 11.82 -13.13
C THR C 51 6.81 13.26 -13.17
N TYR C 52 6.19 13.64 -14.29
CA TYR C 52 5.47 14.88 -14.44
C TYR C 52 3.98 14.59 -14.51
N THR C 53 3.21 15.19 -13.64
CA THR C 53 1.78 14.96 -13.60
C THR C 53 1.06 16.22 -14.04
N ALA C 54 0.13 16.08 -14.98
CA ALA C 54 -0.69 17.17 -15.46
C ALA C 54 -2.01 17.23 -14.69
N GLY C 55 -2.88 18.15 -15.11
CA GLY C 55 -4.12 18.37 -14.37
C GLY C 55 -5.01 17.15 -14.32
N SER C 56 -5.02 16.35 -15.39
CA SER C 56 -5.83 15.14 -15.42
C SER C 56 -5.30 14.12 -14.43
N THR C 58 -2.90 12.62 -15.60
CA THR C 58 -2.04 11.77 -16.42
C THR C 58 -0.59 12.18 -16.23
N SER C 59 0.32 11.21 -16.33
CA SER C 59 1.70 11.39 -15.97
C SER C 59 2.63 10.96 -17.10
N MET C 60 3.76 11.63 -17.19
CA MET C 60 4.87 11.22 -18.05
C MET C 60 6.04 10.85 -17.15
N THR C 61 6.91 10.01 -17.67
CA THR C 61 7.98 9.43 -16.87
C THR C 61 9.33 9.68 -17.53
N TYR C 62 10.36 9.88 -16.70
CA TYR C 62 11.73 10.16 -17.12
C TYR C 62 12.69 9.30 -16.31
N TYR C 63 13.75 8.81 -16.97
CA TYR C 63 14.75 7.96 -16.34
C TYR C 63 16.16 8.40 -16.71
N ALA C 64 17.06 8.28 -15.75
CA ALA C 64 18.48 8.37 -16.07
C ALA C 64 18.89 7.16 -16.89
N ASP C 65 19.80 7.37 -17.86
CA ASP C 65 20.21 6.26 -18.72
C ASP C 65 20.79 5.11 -17.90
N SER C 66 21.41 5.42 -16.75
CA SER C 66 22.08 4.38 -15.98
C SER C 66 21.12 3.45 -15.25
N VAL C 67 19.85 3.81 -15.15
CA VAL C 67 18.87 2.98 -14.46
C VAL C 67 17.76 2.50 -15.37
N LYS C 68 17.74 2.95 -16.63
CA LYS C 68 16.67 2.59 -17.54
C LYS C 68 16.61 1.08 -17.72
N GLY C 69 15.40 0.52 -17.67
CA GLY C 69 15.21 -0.90 -17.81
C GLY C 69 15.46 -1.71 -16.56
N ARG C 70 15.98 -1.09 -15.49
CA ARG C 70 16.19 -1.73 -14.21
C ARG C 70 15.34 -1.15 -13.10
N PHE C 71 15.08 0.15 -13.13
CA PHE C 71 14.24 0.82 -12.16
C PHE C 71 12.96 1.25 -12.85
N THR C 72 11.88 1.28 -12.08
CA THR C 72 10.60 1.72 -12.59
C THR C 72 9.96 2.63 -11.56
N ILE C 73 9.59 3.83 -11.98
CA ILE C 73 8.94 4.79 -11.11
C ILE C 73 7.43 4.70 -11.36
N SER C 74 6.66 4.86 -10.29
CA SER C 74 5.21 4.83 -10.39
C SER C 74 4.66 5.62 -9.22
N GLN C 75 3.38 5.93 -9.28
CA GLN C 75 2.77 6.63 -8.18
C GLN C 75 1.36 6.10 -7.98
N ASP C 76 0.88 6.20 -6.73
CA ASP C 76 -0.51 5.91 -6.40
C ASP C 76 -1.11 7.22 -5.91
N ASN C 77 -1.92 7.86 -6.75
CA ASN C 77 -2.34 9.22 -6.42
C ASN C 77 -3.30 9.23 -5.24
N ALA C 78 -4.16 8.23 -5.13
CA ALA C 78 -5.07 8.15 -3.99
C ALA C 78 -4.32 8.04 -2.67
N LYS C 79 -3.19 7.33 -2.67
CA LYS C 79 -2.33 7.17 -1.49
C LYS C 79 -1.29 8.27 -1.36
N LYS C 80 -1.26 9.21 -2.30
CA LYS C 80 -0.27 10.29 -2.32
C LYS C 80 1.15 9.75 -2.14
N THR C 81 1.47 8.69 -2.90
CA THR C 81 2.72 7.96 -2.71
C THR C 81 3.42 7.76 -4.05
N LEU C 82 4.73 8.03 -4.06
CA LEU C 82 5.61 7.78 -5.19
C LEU C 82 6.47 6.56 -4.88
N TYR C 83 6.63 5.68 -5.86
CA TYR C 83 7.39 4.44 -5.70
C TYR C 83 8.58 4.39 -6.64
N LEU C 84 9.65 3.73 -6.20
CA LEU C 84 10.78 3.41 -7.08
C LEU C 84 11.01 1.92 -6.92
N GLN C 85 10.60 1.15 -7.93
CA GLN C 85 10.86 -0.28 -7.96
C GLN C 85 12.25 -0.52 -8.55
N MET C 86 13.12 -1.19 -7.80
CA MET C 86 14.47 -1.45 -8.26
C MET C 86 14.64 -2.94 -8.48
N ASN C 87 15.25 -3.28 -9.60
CA ASN C 87 15.60 -4.66 -9.91
C ASN C 87 17.05 -4.66 -10.37
N SER C 88 17.67 -5.84 -10.37
CA SER C 88 19.02 -6.00 -10.88
C SER C 88 19.98 -4.99 -10.26
N LEU C 89 19.90 -4.87 -8.94
CA LEU C 89 20.64 -3.84 -8.23
C LEU C 89 22.14 -4.07 -8.36
N LYS C 90 22.89 -2.99 -8.51
CA LYS C 90 24.34 -2.98 -8.64
C LYS C 90 24.98 -2.22 -7.49
N PRO C 91 26.23 -2.53 -7.12
CA PRO C 91 26.84 -1.78 -6.01
C PRO C 91 26.85 -0.28 -6.23
N GLU C 92 27.02 0.17 -7.48
CA GLU C 92 27.02 1.60 -7.78
C GLU C 92 25.65 2.24 -7.60
N ASP C 93 24.59 1.45 -7.38
CA ASP C 93 23.31 2.05 -6.99
C ASP C 93 23.26 2.41 -5.52
N THR C 94 24.27 2.05 -4.73
CA THR C 94 24.32 2.45 -3.32
C THR C 94 24.25 3.96 -3.19
N GLY C 95 23.45 4.45 -2.23
CA GLY C 95 23.35 5.88 -2.00
C GLY C 95 22.16 6.19 -1.13
N MET C 96 22.08 7.46 -0.74
CA MET C 96 20.91 7.98 -0.04
C MET C 96 19.89 8.45 -1.08
N TYR C 97 18.72 7.83 -1.08
CA TYR C 97 17.70 8.11 -2.07
C TYR C 97 16.71 9.08 -1.45
N ARG C 98 16.58 10.24 -2.07
CA ARG C 98 15.74 11.32 -1.59
C ARG C 98 14.72 11.65 -2.65
N CYS C 99 13.49 11.86 -2.20
CA CYS C 99 12.43 12.25 -3.08
C CYS C 99 12.26 13.77 -3.04
N ALA C 100 11.93 14.35 -4.19
CA ALA C 100 11.80 15.80 -4.30
C ALA C 100 10.58 16.12 -5.16
N SER C 101 10.03 17.31 -4.97
CA SER C 101 8.91 17.72 -5.78
C SER C 101 9.00 19.22 -6.06
N THR C 102 8.36 19.63 -7.15
CA THR C 102 8.28 21.03 -7.51
C THR C 102 7.18 21.20 -8.56
N ARG C 103 6.53 22.37 -8.52
CA ARG C 103 5.58 22.70 -9.59
C ARG C 103 6.30 22.96 -10.90
N PHE C 104 7.56 23.39 -10.85
CA PHE C 104 8.24 23.98 -11.98
C PHE C 104 9.68 23.48 -12.06
N ALA C 105 10.07 22.97 -13.22
CA ALA C 105 11.46 22.60 -13.48
C ALA C 105 11.69 22.60 -14.98
N GLY C 106 12.75 23.26 -15.41
CA GLY C 106 13.09 23.26 -16.82
C GLY C 106 13.54 21.89 -17.32
N ARG C 107 14.33 21.18 -16.51
CA ARG C 107 14.72 19.82 -16.82
C ARG C 107 14.51 18.96 -15.58
N TRP C 108 14.03 17.72 -15.79
CA TRP C 108 13.56 16.92 -14.66
C TRP C 108 14.67 16.58 -13.68
N TYR C 109 15.91 16.52 -14.15
CA TYR C 109 17.02 15.98 -13.37
C TYR C 109 17.82 17.06 -12.66
N ARG C 110 17.40 18.32 -12.75
CA ARG C 110 18.13 19.44 -12.16
C ARG C 110 17.63 19.63 -10.75
N ASP C 111 18.37 19.09 -9.78
CA ASP C 111 17.95 19.12 -8.38
C ASP C 111 17.80 20.55 -7.86
N SER C 112 18.55 21.50 -8.42
CA SER C 112 18.47 22.88 -7.95
C SER C 112 17.09 23.49 -8.18
N GLU C 113 16.27 22.92 -9.06
CA GLU C 113 14.95 23.46 -9.34
C GLU C 113 13.86 22.93 -8.42
N TYR C 114 14.15 21.89 -7.63
CA TYR C 114 13.15 21.28 -6.78
C TYR C 114 13.00 22.03 -5.47
N ARG C 115 11.75 22.14 -5.00
CA ARG C 115 11.36 23.02 -3.91
C ARG C 115 11.04 22.31 -2.62
N ALA C 116 10.69 21.03 -2.65
CA ALA C 116 10.45 20.25 -1.45
C ALA C 116 11.31 18.99 -1.49
N TRP C 117 11.88 18.64 -0.34
CA TRP C 117 12.80 17.51 -0.24
C TRP C 117 12.45 16.68 0.99
N GLY C 118 12.48 15.36 0.83
CA GLY C 118 12.49 14.47 1.97
C GLY C 118 13.89 14.30 2.50
N GLN C 119 13.99 13.68 3.69
CA GLN C 119 15.31 13.46 4.27
C GLN C 119 16.05 12.29 3.64
N GLY C 120 15.35 11.31 3.09
CA GLY C 120 16.01 10.27 2.35
C GLY C 120 15.89 8.91 3.04
N THR C 121 16.15 7.87 2.26
CA THR C 121 16.24 6.50 2.75
C THR C 121 17.46 5.86 2.10
N GLN C 122 18.27 5.18 2.91
CA GLN C 122 19.53 4.64 2.43
C GLN C 122 19.34 3.29 1.74
N VAL C 123 19.99 3.14 0.60
CA VAL C 123 20.03 1.87 -0.12
C VAL C 123 21.49 1.47 -0.22
N THR C 124 21.84 0.32 0.33
CA THR C 124 23.19 -0.18 0.23
C THR C 124 23.17 -1.51 -0.53
N VAL C 125 23.96 -1.58 -1.60
CA VAL C 125 24.06 -2.78 -2.42
C VAL C 125 25.46 -3.34 -2.25
N SER C 126 25.55 -4.57 -1.77
CA SER C 126 26.83 -5.23 -1.54
C SER C 126 27.19 -6.19 -2.68
N GLN D 1 -6.20 6.11 9.34
CA GLN D 1 -5.77 7.38 9.93
C GLN D 1 -4.26 7.36 10.16
N VAL D 2 -3.79 6.32 10.86
CA VAL D 2 -2.39 6.17 11.20
C VAL D 2 -1.68 5.42 10.08
N GLN D 3 -0.55 5.96 9.63
CA GLN D 3 0.32 5.27 8.68
C GLN D 3 1.68 5.04 9.30
N LEU D 4 2.22 3.85 9.09
CA LEU D 4 3.52 3.44 9.59
C LEU D 4 4.39 3.05 8.39
N GLN D 5 5.56 3.68 8.28
CA GLN D 5 6.48 3.52 7.15
C GLN D 5 7.81 2.99 7.67
N GLU D 6 8.20 1.78 7.25
CA GLU D 6 9.45 1.21 7.75
C GLU D 6 10.58 1.30 6.74
N SER D 7 11.80 1.22 7.26
CA SER D 7 13.04 1.23 6.47
C SER D 7 14.14 0.57 7.29
N GLY D 8 15.22 0.21 6.62
CA GLY D 8 16.46 -0.09 7.31
C GLY D 8 16.83 -1.56 7.40
N GLY D 9 15.98 -2.46 6.94
CA GLY D 9 16.27 -3.88 6.99
C GLY D 9 17.23 -4.30 5.89
N GLY D 10 17.22 -5.59 5.61
CA GLY D 10 17.95 -6.11 4.48
C GLY D 10 18.82 -7.27 4.88
N SER D 11 19.86 -7.49 4.09
CA SER D 11 20.75 -8.62 4.27
C SER D 11 21.96 -8.21 5.08
N VAL D 12 22.45 -9.13 5.91
CA VAL D 12 23.63 -8.90 6.74
C VAL D 12 24.11 -10.28 7.18
N GLN D 13 25.39 -10.35 7.52
CA GLN D 13 25.94 -11.59 8.05
C GLN D 13 25.67 -11.69 9.55
N ALA D 14 25.71 -12.92 10.05
CA ALA D 14 25.61 -13.14 11.49
C ALA D 14 26.70 -12.38 12.23
N GLY D 15 26.33 -11.80 13.36
CA GLY D 15 27.19 -10.88 14.08
C GLY D 15 27.11 -9.45 13.61
N GLY D 16 26.31 -9.17 12.58
CA GLY D 16 26.24 -7.84 12.02
C GLY D 16 25.25 -6.96 12.76
N SER D 17 25.10 -5.75 12.24
CA SER D 17 24.22 -4.73 12.79
C SER D 17 23.24 -4.26 11.72
N LEU D 18 22.00 -4.01 12.14
CA LEU D 18 21.03 -3.32 11.31
C LEU D 18 20.27 -2.34 12.19
N ARG D 19 19.78 -1.27 11.56
CA ARG D 19 19.05 -0.20 12.24
C ARG D 19 17.71 0.00 11.52
N LEU D 20 16.64 -0.53 12.10
CA LEU D 20 15.32 -0.33 11.53
C LEU D 20 14.74 0.99 12.00
N SER D 21 13.93 1.59 11.15
CA SER D 21 13.24 2.82 11.45
C SER D 21 11.78 2.68 11.05
N CYS D 22 10.93 3.41 11.75
CA CYS D 22 9.53 3.49 11.35
C CYS D 22 9.05 4.89 11.66
N VAL D 23 8.51 5.57 10.65
CA VAL D 23 7.96 6.90 10.83
C VAL D 23 6.44 6.79 10.85
N VAL D 24 5.83 7.42 11.86
CA VAL D 24 4.38 7.41 12.02
C VAL D 24 3.82 8.74 11.58
N SER D 25 2.63 8.70 10.98
CA SER D 25 1.87 9.90 10.69
C SER D 25 0.40 9.60 10.97
N GLY D 26 -0.38 10.66 11.11
CA GLY D 26 -1.80 10.54 11.33
C GLY D 26 -2.18 10.88 12.76
N ASN D 27 -3.47 10.75 13.04
CA ASN D 27 -4.02 11.03 14.36
C ASN D 27 -3.79 9.82 15.25
N THR D 28 -2.71 9.86 16.03
CA THR D 28 -2.35 8.74 16.89
C THR D 28 -2.91 8.86 18.30
N GLY D 29 -3.13 10.08 18.79
CA GLY D 29 -3.32 10.28 20.20
C GLY D 29 -1.99 10.47 20.90
N SER D 30 -2.05 10.63 22.23
CA SER D 30 -0.86 10.97 23.00
C SER D 30 -0.25 9.81 23.76
N THR D 31 -0.97 8.69 23.93
CA THR D 31 -0.48 7.61 24.77
C THR D 31 -0.72 6.26 24.09
N GLY D 32 0.14 5.30 24.39
CA GLY D 32 -0.05 3.95 23.92
C GLY D 32 1.27 3.26 23.60
N TYR D 33 1.13 2.15 22.89
CA TYR D 33 2.24 1.26 22.57
C TYR D 33 2.73 1.48 21.14
N TRP D 34 4.05 1.41 20.98
CA TRP D 34 4.71 1.45 19.69
C TRP D 34 5.70 0.30 19.66
N ALA D 35 5.50 -0.64 18.75
CA ALA D 35 6.12 -1.95 18.89
C ALA D 35 6.72 -2.42 17.58
N TRP D 36 7.69 -3.32 17.71
CA TRP D 36 8.22 -4.09 16.61
C TRP D 36 7.84 -5.54 16.79
N PHE D 37 7.37 -6.16 15.73
CA PHE D 37 7.03 -7.58 15.66
C PHE D 37 7.83 -8.21 14.55
N ARG D 38 8.10 -9.50 14.65
CA ARG D 38 8.74 -10.20 13.55
C ARG D 38 7.83 -11.34 13.13
N GLN D 39 7.63 -11.45 11.82
CA GLN D 39 6.64 -12.31 11.21
C GLN D 39 7.36 -13.29 10.29
N GLY D 40 7.14 -14.58 10.51
CA GLY D 40 7.58 -15.60 9.59
C GLY D 40 6.38 -16.27 8.97
N PRO D 41 6.46 -16.59 7.67
CA PRO D 41 5.38 -17.13 6.84
C PRO D 41 4.53 -18.19 7.54
N ARG D 45 2.96 -13.56 14.44
CA ARG D 45 3.82 -12.42 14.72
C ARG D 45 4.21 -12.40 16.19
N GLU D 46 5.51 -12.51 16.47
CA GLU D 46 5.99 -12.47 17.84
C GLU D 46 6.57 -11.10 18.15
N GLY D 47 6.29 -10.62 19.35
CA GLY D 47 6.79 -9.32 19.77
C GLY D 47 8.30 -9.38 19.95
N VAL D 48 9.00 -8.37 19.43
CA VAL D 48 10.43 -8.24 19.67
C VAL D 48 10.72 -7.15 20.70
N ALA D 49 10.10 -5.98 20.57
CA ALA D 49 10.33 -4.88 21.51
C ALA D 49 9.19 -3.89 21.39
N ALA D 50 8.96 -3.16 22.47
CA ALA D 50 7.90 -2.15 22.43
C ALA D 50 8.20 -1.05 23.44
N THR D 51 7.57 0.09 23.21
CA THR D 51 7.61 1.19 24.14
C THR D 51 6.19 1.64 24.43
N TYR D 52 5.88 1.85 25.71
CA TYR D 52 4.63 2.50 26.11
C TYR D 52 4.94 3.95 26.50
N THR D 53 4.22 4.89 25.90
CA THR D 53 4.35 6.30 26.24
C THR D 53 3.11 6.70 27.00
N ALA D 54 3.30 7.14 28.25
CA ALA D 54 2.22 7.60 29.11
C ALA D 54 1.90 9.07 28.92
N GLY D 55 2.71 9.81 28.16
CA GLY D 55 2.37 11.18 27.81
C GLY D 55 2.39 12.14 28.98
N SER D 56 3.38 12.02 29.85
CA SER D 56 3.49 12.88 31.01
C SER D 56 4.93 12.92 31.50
N THR D 58 6.70 10.36 30.08
CA THR D 58 7.76 9.37 30.16
C THR D 58 7.32 8.05 29.54
N SER D 59 8.27 7.14 29.33
CA SER D 59 8.00 5.89 28.62
C SER D 59 8.49 4.70 29.44
N MET D 60 7.97 3.52 29.08
CA MET D 60 8.48 2.25 29.56
C MET D 60 8.81 1.40 28.35
N THR D 61 9.83 0.56 28.48
CA THR D 61 10.33 -0.23 27.36
C THR D 61 10.26 -1.72 27.71
N TYR D 62 9.93 -2.53 26.70
CA TYR D 62 9.78 -3.97 26.86
C TYR D 62 10.53 -4.71 25.77
N TYR D 63 11.13 -5.83 26.15
CA TYR D 63 11.87 -6.67 25.21
C TYR D 63 11.45 -8.12 25.35
N ALA D 64 11.44 -8.81 24.22
CA ALA D 64 11.40 -10.27 24.24
C ALA D 64 12.72 -10.80 24.79
N ASP D 65 12.63 -11.91 25.53
CA ASP D 65 13.82 -12.45 26.18
C ASP D 65 14.91 -12.79 25.16
N SER D 66 14.53 -13.22 23.95
CA SER D 66 15.50 -13.67 22.97
C SER D 66 16.27 -12.54 22.31
N VAL D 67 15.88 -11.28 22.52
CA VAL D 67 16.63 -10.16 21.95
C VAL D 67 17.20 -9.24 23.02
N LYS D 68 16.86 -9.43 24.29
CA LYS D 68 17.40 -8.59 25.35
C LYS D 68 18.92 -8.56 25.29
N GLY D 69 19.48 -7.35 25.35
CA GLY D 69 20.92 -7.20 25.31
C GLY D 69 21.52 -7.21 23.94
N ARG D 70 20.72 -7.45 22.90
CA ARG D 70 21.17 -7.39 21.52
C ARG D 70 20.41 -6.34 20.72
N PHE D 71 19.11 -6.20 20.96
CA PHE D 71 18.30 -5.19 20.29
C PHE D 71 17.98 -4.05 21.24
N THR D 72 17.87 -2.84 20.71
CA THR D 72 17.49 -1.68 21.51
C THR D 72 16.43 -0.90 20.77
N ILE D 73 15.32 -0.62 21.45
CA ILE D 73 14.27 0.19 20.88
C ILE D 73 14.36 1.59 21.44
N SER D 74 14.19 2.59 20.58
CA SER D 74 14.19 3.99 21.00
C SER D 74 13.24 4.75 20.10
N GLN D 75 12.78 5.91 20.57
CA GLN D 75 11.90 6.71 19.73
C GLN D 75 12.28 8.18 19.84
N ASP D 76 12.20 8.87 18.69
CA ASP D 76 12.38 10.32 18.61
C ASP D 76 10.98 10.93 18.50
N ASN D 77 10.50 11.50 19.60
CA ASN D 77 9.15 12.05 19.62
C ASN D 77 9.02 13.27 18.73
N ALA D 78 10.13 13.99 18.53
CA ALA D 78 10.10 15.17 17.66
C ALA D 78 9.98 14.77 16.20
N LYS D 79 10.68 13.70 15.80
CA LYS D 79 10.63 13.22 14.43
C LYS D 79 9.57 12.15 14.21
N LYS D 80 8.81 11.79 15.25
CA LYS D 80 7.79 10.77 15.18
C LYS D 80 8.34 9.49 14.53
N THR D 81 9.53 9.07 15.00
CA THR D 81 10.22 7.92 14.44
C THR D 81 10.56 6.93 15.55
N LEU D 82 10.37 5.65 15.27
CA LEU D 82 10.73 4.57 16.18
C LEU D 82 11.89 3.80 15.57
N TYR D 83 12.86 3.42 16.40
CA TYR D 83 14.04 2.74 15.92
C TYR D 83 14.20 1.40 16.62
N LEU D 84 14.71 0.43 15.87
CA LEU D 84 15.13 -0.86 16.41
C LEU D 84 16.58 -1.07 16.00
N GLN D 85 17.49 -0.91 16.95
CA GLN D 85 18.90 -1.14 16.73
C GLN D 85 19.19 -2.60 17.00
N MET D 86 19.62 -3.32 15.97
CA MET D 86 19.85 -4.75 16.07
C MET D 86 21.34 -4.99 15.91
N ASN D 87 22.00 -5.30 17.01
CA ASN D 87 23.39 -5.73 16.97
C ASN D 87 23.45 -7.23 17.20
N SER D 88 24.62 -7.80 16.88
CA SER D 88 24.92 -9.20 17.17
C SER D 88 23.85 -10.12 16.57
N LEU D 89 23.54 -9.87 15.30
CA LEU D 89 22.41 -10.55 14.67
C LEU D 89 22.73 -12.03 14.47
N LYS D 90 21.70 -12.86 14.62
CA LYS D 90 21.80 -14.30 14.44
C LYS D 90 20.87 -14.73 13.30
N PRO D 91 21.13 -15.89 12.68
CA PRO D 91 20.21 -16.33 11.62
C PRO D 91 18.76 -16.42 12.05
N GLU D 92 18.49 -16.81 13.29
CA GLU D 92 17.12 -16.93 13.78
C GLU D 92 16.41 -15.58 13.95
N ASP D 93 17.14 -14.47 13.84
CA ASP D 93 16.48 -13.17 13.77
C ASP D 93 15.87 -12.89 12.40
N THR D 94 16.12 -13.75 11.42
CA THR D 94 15.56 -13.56 10.08
C THR D 94 14.04 -13.53 10.14
N GLY D 95 13.44 -12.59 9.41
CA GLY D 95 12.00 -12.48 9.36
C GLY D 95 11.59 -11.15 8.80
N MET D 96 10.29 -11.01 8.59
CA MET D 96 9.70 -9.74 8.21
C MET D 96 9.40 -8.97 9.47
N TYR D 97 10.07 -7.84 9.66
CA TYR D 97 9.89 -7.02 10.84
C TYR D 97 8.87 -5.94 10.54
N ARG D 98 7.79 -5.91 11.30
CA ARG D 98 6.72 -4.95 11.08
C ARG D 98 6.55 -4.10 12.32
N CYS D 99 6.34 -2.82 12.10
CA CYS D 99 6.00 -1.91 13.17
C CYS D 99 4.50 -1.87 13.37
N ALA D 100 4.09 -1.67 14.62
CA ALA D 100 2.68 -1.64 14.97
C ALA D 100 2.49 -0.65 16.11
N SER D 101 1.28 -0.09 16.20
CA SER D 101 0.99 0.85 17.27
C SER D 101 -0.47 0.69 17.68
N THR D 102 -0.74 1.11 18.91
CA THR D 102 -2.09 1.00 19.48
C THR D 102 -2.16 1.81 20.76
N ARG D 103 -3.37 2.30 21.05
CA ARG D 103 -3.61 3.03 22.28
C ARG D 103 -3.71 2.12 23.50
N PHE D 104 -4.24 0.91 23.33
CA PHE D 104 -4.46 -0.01 24.46
C PHE D 104 -4.05 -1.41 24.06
N ALA D 105 -3.45 -2.15 25.00
CA ALA D 105 -3.15 -3.55 24.78
C ALA D 105 -2.97 -4.27 26.11
N GLY D 106 -3.57 -5.44 26.23
CA GLY D 106 -3.44 -6.21 27.47
C GLY D 106 -2.02 -6.67 27.74
N ARG D 107 -1.28 -7.01 26.68
CA ARG D 107 0.15 -7.27 26.77
C ARG D 107 0.81 -6.59 25.60
N TRP D 108 2.03 -6.09 25.82
CA TRP D 108 2.73 -5.37 24.76
C TRP D 108 2.95 -6.24 23.54
N TYR D 109 3.08 -7.56 23.71
CA TYR D 109 3.43 -8.48 22.63
C TYR D 109 2.22 -9.14 22.00
N ARG D 110 1.02 -8.75 22.37
CA ARG D 110 -0.17 -9.37 21.78
C ARG D 110 -0.53 -8.60 20.52
N ASP D 111 -0.08 -9.11 19.38
CA ASP D 111 -0.27 -8.42 18.12
C ASP D 111 -1.74 -8.30 17.73
N SER D 112 -2.62 -9.16 18.24
CA SER D 112 -4.04 -9.05 17.87
C SER D 112 -4.68 -7.79 18.43
N GLU D 113 -4.07 -7.17 19.43
CA GLU D 113 -4.60 -5.94 19.99
C GLU D 113 -4.11 -4.69 19.26
N TYR D 114 -3.21 -4.84 18.29
CA TYR D 114 -2.68 -3.72 17.52
C TYR D 114 -3.48 -3.55 16.23
N ARG D 115 -3.95 -2.33 15.98
CA ARG D 115 -4.78 -2.06 14.82
C ARG D 115 -4.05 -1.35 13.68
N ALA D 116 -2.94 -0.69 13.96
CA ALA D 116 -2.17 0.02 12.95
C ALA D 116 -0.87 -0.72 12.70
N TRP D 117 -0.59 -1.03 11.44
CA TRP D 117 0.56 -1.83 11.04
C TRP D 117 1.29 -1.19 9.88
N GLY D 118 2.62 -1.39 9.84
CA GLY D 118 3.40 -1.08 8.67
C GLY D 118 3.49 -2.29 7.75
N GLN D 119 3.96 -2.04 6.52
CA GLN D 119 4.04 -3.13 5.55
C GLN D 119 5.11 -4.15 5.93
N GLY D 120 6.16 -3.71 6.59
CA GLY D 120 7.24 -4.61 6.92
C GLY D 120 8.54 -4.23 6.26
N THR D 121 9.65 -4.62 6.89
CA THR D 121 10.95 -4.59 6.25
C THR D 121 11.58 -5.96 6.45
N GLN D 122 12.11 -6.53 5.38
CA GLN D 122 12.69 -7.87 5.45
C GLN D 122 14.09 -7.80 6.04
N VAL D 123 14.38 -8.74 6.95
CA VAL D 123 15.69 -8.88 7.56
C VAL D 123 16.13 -10.31 7.35
N THR D 124 17.26 -10.50 6.68
CA THR D 124 17.78 -11.83 6.38
C THR D 124 19.20 -11.90 6.89
N VAL D 125 19.44 -12.75 7.89
CA VAL D 125 20.75 -12.93 8.48
C VAL D 125 21.29 -14.27 8.01
N SER D 126 22.34 -14.22 7.19
CA SER D 126 22.93 -15.45 6.65
C SER D 126 23.68 -16.24 7.72
C1 HCY E . 9.75 -15.19 -19.14
C2 HCY E . 8.71 -15.63 -20.24
C3 HCY E . 7.53 -16.43 -19.64
C4 HCY E . 7.12 -16.14 -18.20
C5 HCY E . 7.76 -14.93 -17.54
C6 HCY E . 7.15 -14.22 -16.27
C7 HCY E . 8.25 -14.07 -15.10
C8 HCY E . 9.62 -13.55 -15.52
C9 HCY E . 10.15 -14.37 -16.83
C10 HCY E . 9.15 -14.36 -18.02
C12 HCY E . 12.61 -14.07 -15.93
C11 HCY E . 11.56 -14.05 -17.21
C13 HCY E . 12.06 -13.42 -14.69
C14 HCY E . 10.59 -13.77 -14.37
C15 HCY E . 10.32 -13.14 -12.91
C16 HCY E . 11.69 -13.21 -12.13
C17 HCY E . 12.81 -13.76 -13.26
C18 HCY E . 12.10 -11.87 -14.91
C19 HCY E . 8.88 -12.93 -18.54
C20 HCY E . 14.04 -13.22 -13.14
C21 HCY E . 15.26 -14.03 -13.62
O1 HCY E . 6.94 -17.25 -20.27
O2 HCY E . 11.73 -12.83 -17.80
O3 HCY E . 12.91 -15.19 -13.14
O4 HCY E . 14.21 -12.15 -12.69
O5 HCY E . 16.45 -13.43 -13.16
C1 HCY F . -13.19 -9.81 4.84
C2 HCY F . -12.40 -8.94 5.91
C3 HCY F . -11.91 -7.58 5.34
C4 HCY F . -12.65 -6.96 4.15
C5 HCY F . -14.01 -7.55 3.86
C6 HCY F . -15.09 -6.79 2.97
C7 HCY F . -15.36 -7.57 1.59
C8 HCY F . -15.64 -9.06 1.80
C9 HCY F . -14.49 -9.77 2.71
C10 HCY F . -14.30 -9.07 4.11
C12 HCY F . -14.86 -11.96 1.30
C11 HCY F . -14.64 -11.26 2.79
C13 HCY F . -15.85 -11.23 0.42
C14 HCY F . -15.72 -9.70 0.43
C15 HCY F . -16.81 -9.20 -0.65
C16 HCY F . -16.85 -10.30 -1.79
C17 HCY F . -15.89 -11.55 -1.20
C18 HCY F . -17.28 -11.56 0.95
C19 HCY F . -15.57 -9.13 4.97
C20 HCY F . -16.39 -12.76 -1.48
C21 HCY F . -15.51 -14.04 -1.40
O1 HCY F . -11.00 -6.98 5.84
O2 HCY F . -15.68 -11.66 3.60
O3 HCY F . -14.56 -11.40 -1.73
O4 HCY F . -17.52 -12.89 -1.82
O5 HCY F . -16.31 -15.15 -1.74
C1 HCY G . 2.69 18.69 -7.78
C2 HCY G . 3.99 19.56 -7.60
C3 HCY G . 4.50 19.54 -6.15
C4 HCY G . 4.36 18.24 -5.35
C5 HCY G . 3.72 17.06 -6.09
C6 HCY G . 3.84 15.56 -5.59
C7 HCY G . 2.37 14.95 -5.37
C8 HCY G . 1.46 15.09 -6.58
C9 HCY G . 1.44 16.65 -7.10
C10 HCY G . 2.85 17.24 -7.38
C12 HCY G . -1.06 16.30 -7.81
C11 HCY G . 0.46 16.89 -8.20
C13 HCY G . -1.03 14.89 -7.25
C14 HCY G . 0.08 14.65 -6.19
C15 HCY G . -0.20 13.15 -5.64
C16 HCY G . -1.78 12.92 -5.74
C17 HCY G . -2.36 14.33 -6.44
C18 HCY G . -0.73 13.91 -8.43
C19 HCY G . 3.58 16.51 -8.51
C20 HCY G . -3.43 14.14 -7.23
C21 HCY G . -4.48 15.28 -7.36
O1 HCY G . 5.00 20.49 -5.62
O2 HCY G . 0.83 16.33 -9.40
O3 HCY G . -2.66 15.29 -5.39
O4 HCY G . -3.61 13.12 -7.81
O5 HCY G . -5.23 15.12 -8.53
S SO4 H . 13.58 17.24 -19.95
O1 SO4 H . 14.71 17.73 -20.70
O2 SO4 H . 12.38 18.06 -20.19
O3 SO4 H . 13.28 15.87 -20.37
O4 SO4 H . 13.85 17.26 -18.52
C1 HCY I . 0.12 6.54 20.61
C2 HCY I . -0.66 5.21 20.26
C3 HCY I . -0.76 4.96 18.74
C4 HCY I . 0.40 5.43 17.85
C5 HCY I . 1.62 5.93 18.60
C6 HCY I . 3.07 6.01 17.95
C7 HCY I . 3.58 7.53 17.96
C8 HCY I . 3.50 8.20 19.33
C9 HCY I . 2.02 8.03 20.03
C10 HCY I . 1.53 6.55 20.04
C12 HCY I . 2.42 10.33 21.25
C11 HCY I . 1.88 8.75 21.34
C13 HCY I . 3.74 10.48 20.53
C14 HCY I . 3.87 9.66 19.20
C15 HCY I . 5.28 10.11 18.58
C16 HCY I . 5.55 11.60 19.07
C17 HCY I . 4.20 11.97 19.99
C18 HCY I . 4.86 9.94 21.46
C19 HCY I . 2.42 5.65 20.93
C20 HCY I . 4.48 12.82 20.98
C21 HCY I . 3.37 13.78 21.46
O1 HCY I . -1.71 4.39 18.26
O2 HCY I . 2.54 8.19 22.39
O3 HCY I . 3.16 12.48 19.15
O4 HCY I . 5.55 12.90 21.46
O5 HCY I . 3.82 14.43 22.63
S SO4 J . 3.05 -6.60 29.93
O1 SO4 J . 2.71 -6.64 28.51
O2 SO4 J . 4.48 -6.33 30.07
O3 SO4 J . 2.80 -7.88 30.58
O4 SO4 J . 2.26 -5.59 30.59
#